data_8HBT
#
_entry.id   8HBT
#
_cell.length_a   136.020
_cell.length_b   136.020
_cell.length_c   192.120
_cell.angle_alpha   90.00
_cell.angle_beta   90.00
_cell.angle_gamma   120.00
#
_symmetry.space_group_name_H-M   'H 3 2'
#
loop_
_entity.id
_entity.type
_entity.pdbx_description
1 polymer AmAT7-3-A310G
2 non-polymer 'Astragaloside IV'
3 water water
#
_entity_poly.entity_id   1
_entity_poly.type   'polypeptide(L)'
_entity_poly.pdbx_seq_one_letter_code
;MSSLRLVSSSTIQAANDNNDDSSQLIDLTVWDLIGLERESIQQGLLYHHPNQVDTPNQIQHLKHSLSSTLSFFPPFAGRL
VITEYEDNTATCFIACNNAGALFVHAVAENTTISDILQPNKYVPPIVNSLFSLNGVKNREGTIQPLLVVQVTELVDGIFI
GLTVNHVVADGKSFWLFVNSWAEISRGFQKPSKLPTLERWFLNDTDHPIRFSFSMEEEKKKFQSGQLTTRFFHFTRENIA
HLKSKANGEVTLGNTERRISSLQALLAHVWRSVVRCERIDPQEVLYYILLIDARTRLIPPLEDDYFGNAGDAGVVIMKAG
ELLEGGLGNVAWNMNKVISLNSDEKIKNRYKSWLRTPQLPSMGMHTTFASQLLIIANSPRFNVYGNDFGWGKPLAVRSSA
ENKRDCKIVLFAGAEEGSIDIEVCLPYEILEALGNDAEFLDNHSIG
;
_entity_poly.pdbx_strand_id   A
#
# COMPACT_ATOMS: atom_id res chain seq x y z
N MET A 1 23.75 10.33 22.56
CA MET A 1 23.62 9.34 21.48
C MET A 1 22.20 8.77 21.45
N SER A 2 21.65 8.58 20.25
CA SER A 2 20.27 8.12 20.17
C SER A 2 20.22 6.60 20.25
N SER A 3 19.04 6.08 20.65
CA SER A 3 18.87 4.64 20.76
C SER A 3 17.40 4.31 20.56
N LEU A 4 17.11 3.01 20.44
CA LEU A 4 15.75 2.56 20.22
C LEU A 4 15.54 1.27 21.02
N ARG A 5 14.48 1.23 21.83
CA ARG A 5 14.18 0.09 22.67
C ARG A 5 12.67 -0.09 22.73
N LEU A 6 12.26 -1.32 23.06
CA LEU A 6 10.85 -1.64 23.26
C LEU A 6 10.51 -1.54 24.74
N VAL A 7 9.46 -0.78 25.05
CA VAL A 7 9.02 -0.66 26.43
C VAL A 7 8.04 -1.77 26.80
N SER A 8 7.11 -2.10 25.92
CA SER A 8 6.10 -3.08 26.24
C SER A 8 5.48 -3.61 24.95
N SER A 9 4.90 -4.80 25.06
CA SER A 9 4.13 -5.41 24.00
C SER A 9 2.88 -6.00 24.64
N SER A 10 1.70 -5.65 24.14
CA SER A 10 0.45 -6.04 24.77
C SER A 10 -0.55 -6.55 23.73
N THR A 11 -1.33 -7.55 24.12
CA THR A 11 -2.42 -8.05 23.30
C THR A 11 -3.63 -7.13 23.45
N ILE A 12 -4.23 -6.75 22.33
CA ILE A 12 -5.41 -5.89 22.32
C ILE A 12 -6.54 -6.65 21.66
N GLN A 13 -7.58 -6.97 22.43
CA GLN A 13 -8.75 -7.65 21.89
C GLN A 13 -9.84 -6.64 21.59
N ALA A 14 -10.82 -7.10 20.79
CA ALA A 14 -11.94 -6.23 20.45
C ALA A 14 -12.76 -5.94 21.70
N ALA A 15 -13.10 -4.67 21.89
CA ALA A 15 -13.83 -4.26 23.08
C ALA A 15 -15.13 -5.04 23.22
N ASN A 16 -15.81 -5.29 22.11
CA ASN A 16 -16.98 -6.18 22.09
C ASN A 16 -17.38 -6.51 20.64
N SER A 23 -16.87 -19.23 16.98
CA SER A 23 -17.63 -18.09 16.47
C SER A 23 -17.44 -17.86 14.96
N GLN A 24 -17.59 -16.61 14.53
CA GLN A 24 -17.77 -16.31 13.12
C GLN A 24 -16.50 -16.58 12.30
N LEU A 25 -16.73 -16.83 11.01
CA LEU A 25 -15.69 -17.10 10.03
C LEU A 25 -15.88 -16.18 8.84
N ILE A 26 -14.80 -15.95 8.10
CA ILE A 26 -14.85 -15.20 6.84
C ILE A 26 -14.15 -16.04 5.79
N ASP A 27 -14.83 -16.30 4.68
CA ASP A 27 -14.22 -17.01 3.57
C ASP A 27 -13.45 -16.03 2.71
N LEU A 28 -12.30 -16.48 2.23
CA LEU A 28 -11.38 -15.65 1.47
C LEU A 28 -11.51 -15.96 -0.01
N THR A 29 -11.40 -14.94 -0.83
CA THR A 29 -11.55 -15.13 -2.26
C THR A 29 -10.19 -15.00 -2.94
N VAL A 30 -10.19 -15.15 -4.28
CA VAL A 30 -8.94 -15.23 -5.03
C VAL A 30 -8.03 -14.03 -4.76
N TRP A 31 -8.59 -12.82 -4.79
CA TRP A 31 -7.78 -11.63 -4.52
C TRP A 31 -7.07 -11.73 -3.18
N ASP A 32 -7.71 -12.33 -2.18
CA ASP A 32 -7.10 -12.41 -0.86
C ASP A 32 -6.02 -13.48 -0.83
N LEU A 33 -6.28 -14.64 -1.42
CA LEU A 33 -5.35 -15.75 -1.36
C LEU A 33 -4.01 -15.43 -2.01
N ILE A 34 -4.04 -14.60 -3.06
CA ILE A 34 -2.84 -14.29 -3.82
C ILE A 34 -1.75 -13.67 -2.93
N GLY A 35 -2.14 -13.05 -1.81
CA GLY A 35 -1.18 -12.46 -0.91
C GLY A 35 -0.59 -13.37 0.14
N LEU A 36 -0.95 -14.66 0.18
CA LEU A 36 -0.58 -15.50 1.32
C LEU A 36 0.93 -15.63 1.47
N GLU A 37 1.66 -15.70 0.36
CA GLU A 37 3.12 -15.85 0.43
C GLU A 37 3.87 -14.53 0.25
N ARG A 38 3.17 -13.40 0.29
CA ARG A 38 3.80 -12.09 0.15
C ARG A 38 3.81 -11.34 1.48
N GLU A 39 4.14 -10.05 1.43
CA GLU A 39 4.42 -9.26 2.62
C GLU A 39 3.16 -8.56 3.13
N SER A 40 3.28 -8.08 4.36
CA SER A 40 2.27 -7.26 5.02
C SER A 40 2.31 -5.83 4.47
N ILE A 41 1.23 -5.09 4.68
CA ILE A 41 1.24 -3.64 4.48
C ILE A 41 1.80 -2.98 5.71
N GLN A 42 2.81 -2.11 5.54
CA GLN A 42 3.48 -1.49 6.67
C GLN A 42 3.55 0.01 6.37
N GLN A 43 2.58 0.76 6.87
CA GLN A 43 2.56 2.22 6.72
C GLN A 43 2.26 2.85 8.07
N GLY A 44 2.76 4.08 8.28
CA GLY A 44 2.56 4.72 9.57
C GLY A 44 2.60 6.23 9.45
N LEU A 45 2.21 6.89 10.54
CA LEU A 45 1.95 8.32 10.57
C LEU A 45 2.85 9.01 11.61
N LEU A 46 3.47 10.12 11.20
CA LEU A 46 4.39 10.89 12.00
C LEU A 46 3.71 12.17 12.48
N TYR A 47 3.81 12.46 13.78
CA TYR A 47 3.15 13.60 14.41
C TYR A 47 4.18 14.43 15.16
N HIS A 48 3.98 15.75 15.14
CA HIS A 48 4.82 16.66 15.89
C HIS A 48 4.08 17.14 17.13
N HIS A 49 4.77 17.16 18.27
CA HIS A 49 4.16 17.68 19.49
C HIS A 49 4.70 19.08 19.81
N PRO A 50 4.10 20.15 19.29
CA PRO A 50 4.60 21.50 19.61
C PRO A 50 4.62 21.80 21.10
N ASN A 51 3.57 21.40 21.82
CA ASN A 51 3.50 21.57 23.26
C ASN A 51 3.79 20.27 23.98
N GLN A 52 3.87 20.35 25.30
CA GLN A 52 4.08 19.16 26.09
C GLN A 52 2.83 18.28 26.08
N VAL A 53 3.05 16.97 26.15
CA VAL A 53 1.98 15.99 26.08
C VAL A 53 2.14 15.05 27.27
N ASP A 54 1.02 14.70 27.90
CA ASP A 54 1.02 13.60 28.87
C ASP A 54 1.12 12.31 28.07
N THR A 55 2.34 11.79 27.94
CA THR A 55 2.62 10.66 27.07
C THR A 55 2.04 9.34 27.58
N PRO A 56 2.16 9.01 28.86
CA PRO A 56 1.46 7.79 29.33
C PRO A 56 -0.02 7.83 29.05
N ASN A 57 -0.64 9.01 29.18
CA ASN A 57 -2.07 9.10 28.89
C ASN A 57 -2.33 8.96 27.39
N GLN A 58 -1.44 9.48 26.55
CA GLN A 58 -1.62 9.34 25.11
C GLN A 58 -1.52 7.87 24.69
N ILE A 59 -0.52 7.15 25.20
CA ILE A 59 -0.34 5.75 24.85
C ILE A 59 -1.54 4.92 25.30
N GLN A 60 -1.98 5.14 26.54
CA GLN A 60 -3.16 4.45 27.04
C GLN A 60 -4.39 4.77 26.19
N HIS A 61 -4.55 6.02 25.75
CA HIS A 61 -5.71 6.40 24.94
C HIS A 61 -5.69 5.72 23.58
N LEU A 62 -4.50 5.58 22.99
CA LEU A 62 -4.40 4.86 21.73
C LEU A 62 -4.73 3.38 21.93
N LYS A 63 -4.26 2.80 23.04
CA LYS A 63 -4.55 1.39 23.32
C LYS A 63 -6.05 1.14 23.43
N HIS A 64 -6.74 1.95 24.24
CA HIS A 64 -8.16 1.71 24.46
C HIS A 64 -9.00 2.04 23.23
N SER A 65 -8.65 3.12 22.50
CA SER A 65 -9.39 3.41 21.28
C SER A 65 -9.13 2.37 20.20
N LEU A 66 -7.95 1.76 20.19
CA LEU A 66 -7.71 0.65 19.27
C LEU A 66 -8.66 -0.52 19.56
N SER A 67 -8.79 -0.88 20.84
CA SER A 67 -9.70 -1.95 21.22
C SER A 67 -11.14 -1.62 20.84
N SER A 68 -11.54 -0.35 21.00
CA SER A 68 -12.90 0.04 20.64
C SER A 68 -13.12 -0.06 19.12
N THR A 69 -12.10 0.27 18.34
CA THR A 69 -12.24 0.21 16.89
C THR A 69 -12.28 -1.22 16.40
N LEU A 70 -11.56 -2.13 17.08
CA LEU A 70 -11.53 -3.52 16.66
C LEU A 70 -12.92 -4.17 16.76
N SER A 71 -13.81 -3.65 17.62
CA SER A 71 -15.18 -4.15 17.67
C SER A 71 -15.84 -4.04 16.30
N PHE A 72 -15.52 -2.99 15.54
CA PHE A 72 -16.12 -2.78 14.23
C PHE A 72 -15.35 -3.47 13.10
N PHE A 73 -14.12 -3.90 13.36
CA PHE A 73 -13.31 -4.64 12.38
C PHE A 73 -12.76 -5.91 13.01
N PRO A 74 -13.63 -6.88 13.33
CA PRO A 74 -13.18 -8.10 14.02
C PRO A 74 -12.10 -8.89 13.30
N PRO A 75 -12.02 -8.85 11.95
CA PRO A 75 -10.89 -9.57 11.30
C PRO A 75 -9.53 -9.18 11.83
N PHE A 76 -9.29 -7.90 12.17
CA PHE A 76 -7.99 -7.50 12.67
C PHE A 76 -7.70 -8.05 14.06
N ALA A 77 -8.71 -8.54 14.77
CA ALA A 77 -8.46 -9.22 16.03
C ALA A 77 -8.44 -10.75 15.90
N GLY A 78 -8.62 -11.30 14.71
CA GLY A 78 -8.71 -12.75 14.51
C GLY A 78 -7.40 -13.40 14.10
N ARG A 79 -7.51 -14.60 13.54
CA ARG A 79 -6.35 -15.34 13.02
C ARG A 79 -6.75 -16.03 11.73
N LEU A 80 -5.74 -16.37 10.93
CA LEU A 80 -5.98 -17.19 9.75
C LEU A 80 -6.06 -18.66 10.17
N VAL A 81 -6.85 -19.43 9.43
CA VAL A 81 -6.95 -20.88 9.60
C VAL A 81 -6.59 -21.53 8.27
N ILE A 82 -5.45 -22.20 8.23
CA ILE A 82 -4.99 -22.87 7.02
C ILE A 82 -5.05 -24.37 7.26
N THR A 83 -5.65 -25.09 6.32
CA THR A 83 -5.68 -26.55 6.31
C THR A 83 -4.96 -27.03 5.08
N GLU A 84 -3.87 -27.78 5.26
CA GLU A 84 -3.10 -28.31 4.15
C GLU A 84 -3.45 -29.78 3.93
N TYR A 85 -3.62 -30.16 2.68
CA TYR A 85 -4.09 -31.50 2.33
C TYR A 85 -3.00 -32.29 1.61
N GLU A 86 -3.18 -33.61 1.63
CA GLU A 86 -2.16 -34.54 1.14
C GLU A 86 -1.87 -34.33 -0.33
N ASP A 87 -2.87 -33.96 -1.11
CA ASP A 87 -2.66 -33.70 -2.52
C ASP A 87 -2.03 -32.33 -2.79
N ASN A 88 -1.35 -31.75 -1.80
CA ASN A 88 -0.64 -30.47 -1.94
C ASN A 88 -1.56 -29.31 -2.33
N THR A 89 -2.79 -29.33 -1.84
CA THR A 89 -3.67 -28.18 -1.89
C THR A 89 -3.96 -27.72 -0.47
N ALA A 90 -4.67 -26.60 -0.34
CA ALA A 90 -4.92 -26.00 0.95
C ALA A 90 -6.17 -25.13 0.87
N THR A 91 -6.75 -24.87 2.02
CA THR A 91 -7.80 -23.87 2.18
C THR A 91 -7.35 -22.87 3.22
N CYS A 92 -8.03 -21.73 3.24
CA CYS A 92 -7.69 -20.66 4.18
C CYS A 92 -8.95 -19.86 4.48
N PHE A 93 -9.15 -19.51 5.74
CA PHE A 93 -10.16 -18.52 6.06
C PHE A 93 -9.70 -17.72 7.28
N ILE A 94 -10.46 -16.66 7.59
CA ILE A 94 -10.24 -15.85 8.78
C ILE A 94 -11.21 -16.32 9.85
N ALA A 95 -10.68 -16.72 11.01
CA ALA A 95 -11.48 -16.94 12.19
C ALA A 95 -11.49 -15.68 13.05
N CYS A 96 -12.68 -15.11 13.25
CA CYS A 96 -12.84 -13.95 14.11
C CYS A 96 -12.94 -14.43 15.56
N ASN A 97 -11.82 -14.91 16.08
CA ASN A 97 -11.79 -15.54 17.40
C ASN A 97 -11.33 -14.59 18.50
N ASN A 98 -11.15 -13.31 18.20
CA ASN A 98 -10.71 -12.31 19.17
C ASN A 98 -9.45 -12.74 19.94
N ALA A 99 -8.55 -13.46 19.27
CA ALA A 99 -7.22 -13.67 19.84
C ALA A 99 -6.48 -12.35 20.04
N GLY A 100 -6.72 -11.35 19.20
CA GLY A 100 -6.27 -10.02 19.52
C GLY A 100 -5.17 -9.52 18.60
N ALA A 101 -5.13 -8.20 18.42
CA ALA A 101 -4.01 -7.53 17.77
C ALA A 101 -2.85 -7.38 18.75
N LEU A 102 -1.75 -6.81 18.27
CA LEU A 102 -0.57 -6.59 19.09
C LEU A 102 -0.25 -5.09 19.14
N PHE A 103 -0.03 -4.56 20.33
CA PHE A 103 0.30 -3.14 20.50
C PHE A 103 1.71 -3.06 21.08
N VAL A 104 2.63 -2.45 20.34
CA VAL A 104 4.03 -2.36 20.72
C VAL A 104 4.35 -0.92 21.06
N HIS A 105 4.86 -0.67 22.26
CA HIS A 105 5.25 0.65 22.74
C HIS A 105 6.77 0.72 22.74
N ALA A 106 7.33 1.62 21.93
CA ALA A 106 8.77 1.75 21.79
C ALA A 106 9.20 3.17 22.11
N VAL A 107 10.47 3.33 22.49
CA VAL A 107 11.03 4.66 22.78
C VAL A 107 12.31 4.84 21.99
N ALA A 108 12.35 5.89 21.16
CA ALA A 108 13.55 6.26 20.41
C ALA A 108 14.18 7.45 21.12
N GLU A 109 15.08 7.17 22.06
CA GLU A 109 15.75 8.21 22.83
C GLU A 109 16.61 9.10 21.95
N ASN A 110 16.49 10.42 22.14
CA ASN A 110 17.32 11.39 21.44
C ASN A 110 17.12 11.34 19.93
N THR A 111 15.93 10.91 19.49
CA THR A 111 15.58 10.82 18.08
C THR A 111 14.42 11.76 17.80
N THR A 112 14.49 12.49 16.69
CA THR A 112 13.53 13.54 16.41
C THR A 112 12.82 13.32 15.09
N ILE A 113 11.72 14.07 14.91
CA ILE A 113 11.04 14.26 13.64
C ILE A 113 12.02 14.40 12.48
N SER A 114 12.89 15.42 12.55
CA SER A 114 13.80 15.67 11.43
C SER A 114 14.82 14.55 11.21
N ASP A 115 15.17 13.80 12.26
CA ASP A 115 15.98 12.60 12.04
C ASP A 115 15.23 11.62 11.13
N ILE A 116 13.91 11.54 11.26
CA ILE A 116 13.14 10.58 10.49
C ILE A 116 12.90 11.07 9.06
N LEU A 117 12.62 12.37 8.89
CA LEU A 117 12.44 12.99 7.57
C LEU A 117 13.73 13.71 7.20
N GLN A 118 14.73 12.95 6.80
CA GLN A 118 15.97 13.55 6.35
C GLN A 118 15.68 14.50 5.18
N PRO A 119 16.22 15.74 5.20
CA PRO A 119 15.80 16.78 4.25
C PRO A 119 15.94 16.42 2.78
N ASN A 120 14.81 16.21 2.08
CA ASN A 120 14.79 15.89 0.66
C ASN A 120 15.83 14.82 0.31
N LYS A 121 15.99 13.85 1.21
CA LYS A 121 17.01 12.83 1.04
C LYS A 121 16.39 11.45 0.96
N TYR A 122 17.16 10.46 1.36
CA TYR A 122 16.74 9.07 1.32
C TYR A 122 16.09 8.70 2.65
N VAL A 123 15.30 7.63 2.64
CA VAL A 123 14.65 7.21 3.87
C VAL A 123 15.73 6.63 4.78
N PRO A 124 15.91 7.18 5.97
CA PRO A 124 17.00 6.69 6.84
C PRO A 124 16.68 5.30 7.37
N PRO A 125 17.69 4.55 7.79
CA PRO A 125 17.43 3.18 8.27
C PRO A 125 16.54 3.13 9.51
N ILE A 126 16.48 4.19 10.31
CA ILE A 126 15.67 4.16 11.53
C ILE A 126 14.20 3.91 11.21
N VAL A 127 13.76 4.30 10.02
CA VAL A 127 12.34 4.22 9.68
C VAL A 127 11.86 2.77 9.70
N ASN A 128 12.70 1.85 9.21
CA ASN A 128 12.34 0.43 9.19
C ASN A 128 12.14 -0.11 10.60
N SER A 129 12.84 0.43 11.60
CA SER A 129 12.64 -0.04 12.97
C SER A 129 11.43 0.56 13.66
N LEU A 130 10.67 1.44 12.98
CA LEU A 130 9.42 1.96 13.55
C LEU A 130 8.23 1.02 13.36
N PHE A 131 8.47 -0.17 12.79
CA PHE A 131 7.43 -1.17 12.55
C PHE A 131 7.90 -2.48 13.14
N SER A 132 6.93 -3.29 13.55
CA SER A 132 7.19 -4.59 14.15
C SER A 132 6.76 -5.70 13.20
N LEU A 133 7.33 -6.89 13.40
CA LEU A 133 7.08 -8.06 12.56
C LEU A 133 7.50 -7.84 11.12
N ASN A 134 8.58 -7.07 10.90
CA ASN A 134 9.14 -6.92 9.56
C ASN A 134 9.53 -8.30 9.01
N GLY A 135 9.24 -8.52 7.73
CA GLY A 135 9.65 -9.72 7.04
C GLY A 135 8.71 -10.90 7.16
N VAL A 136 7.65 -10.81 7.96
CA VAL A 136 6.77 -11.95 8.19
C VAL A 136 5.75 -12.06 7.05
N LYS A 137 5.67 -13.23 6.43
CA LYS A 137 4.71 -13.40 5.34
C LYS A 137 3.30 -13.56 5.89
N ASN A 138 2.32 -13.27 5.02
CA ASN A 138 0.93 -13.21 5.46
C ASN A 138 0.40 -14.57 5.92
N ARG A 139 0.84 -15.66 5.30
CA ARG A 139 0.40 -16.99 5.75
C ARG A 139 0.81 -17.29 7.17
N GLU A 140 1.74 -16.52 7.77
CA GLU A 140 2.08 -16.81 9.15
C GLU A 140 1.04 -16.28 10.12
N GLY A 141 0.00 -15.63 9.62
CA GLY A 141 -1.14 -15.19 10.42
C GLY A 141 -1.95 -16.30 11.05
N THR A 142 -1.64 -17.57 10.78
CA THR A 142 -2.24 -18.65 11.56
C THR A 142 -1.93 -18.51 13.03
N ILE A 143 -0.75 -17.96 13.35
CA ILE A 143 -0.30 -17.77 14.72
C ILE A 143 -0.07 -16.30 15.04
N GLN A 144 0.52 -15.54 14.10
CA GLN A 144 0.85 -14.15 14.35
C GLN A 144 -0.39 -13.26 14.27
N PRO A 145 -0.41 -12.15 15.02
CA PRO A 145 -1.55 -11.22 14.90
C PRO A 145 -1.70 -10.74 13.47
N LEU A 146 -2.93 -10.43 13.08
CA LEU A 146 -3.18 -9.89 11.76
C LEU A 146 -2.97 -8.37 11.72
N LEU A 147 -2.84 -7.74 12.87
CA LEU A 147 -2.60 -6.30 12.97
C LEU A 147 -1.62 -6.08 14.12
N VAL A 148 -0.51 -5.42 13.83
CA VAL A 148 0.43 -4.97 14.84
C VAL A 148 0.52 -3.45 14.75
N VAL A 149 0.39 -2.77 15.89
CA VAL A 149 0.57 -1.32 15.97
C VAL A 149 1.80 -1.05 16.82
N GLN A 150 2.77 -0.31 16.27
CA GLN A 150 3.91 0.14 17.05
C GLN A 150 3.83 1.66 17.20
N VAL A 151 3.80 2.14 18.43
CA VAL A 151 3.84 3.57 18.71
C VAL A 151 5.20 3.87 19.30
N THR A 152 5.98 4.69 18.61
CA THR A 152 7.34 5.00 19.02
C THR A 152 7.39 6.44 19.50
N GLU A 153 7.93 6.65 20.70
CA GLU A 153 8.11 7.99 21.24
C GLU A 153 9.38 8.60 20.67
N LEU A 154 9.28 9.85 20.26
CA LEU A 154 10.38 10.67 19.79
C LEU A 154 10.52 11.87 20.70
N VAL A 155 11.63 12.60 20.55
CA VAL A 155 11.82 13.78 21.39
C VAL A 155 10.68 14.78 21.17
N ASP A 156 10.31 15.02 19.91
CA ASP A 156 9.35 16.08 19.59
C ASP A 156 8.03 15.55 19.01
N GLY A 157 7.72 14.28 19.20
CA GLY A 157 6.47 13.77 18.67
C GLY A 157 6.36 12.27 18.85
N ILE A 158 5.57 11.63 17.98
CA ILE A 158 5.41 10.17 17.99
C ILE A 158 5.23 9.67 16.56
N PHE A 159 5.44 8.35 16.39
CA PHE A 159 5.16 7.67 15.14
C PHE A 159 4.25 6.48 15.43
N ILE A 160 3.19 6.35 14.64
CA ILE A 160 2.22 5.28 14.78
C ILE A 160 2.39 4.39 13.57
N GLY A 161 3.03 3.23 13.74
CA GLY A 161 3.29 2.36 12.60
C GLY A 161 2.52 1.04 12.63
N LEU A 162 1.73 0.77 11.60
CA LEU A 162 0.86 -0.39 11.56
C LEU A 162 1.45 -1.44 10.61
N THR A 163 1.40 -2.69 11.04
CA THR A 163 1.73 -3.86 10.22
C THR A 163 0.43 -4.65 10.04
N VAL A 164 -0.07 -4.71 8.81
CA VAL A 164 -1.39 -5.27 8.50
C VAL A 164 -1.23 -6.44 7.53
N ASN A 165 -1.84 -7.57 7.89
CA ASN A 165 -1.80 -8.76 7.04
C ASN A 165 -2.51 -8.50 5.71
N HIS A 166 -1.78 -8.63 4.61
CA HIS A 166 -2.34 -8.28 3.30
C HIS A 166 -3.40 -9.27 2.80
N VAL A 167 -3.53 -10.45 3.43
CA VAL A 167 -4.64 -11.33 3.05
C VAL A 167 -5.96 -10.78 3.62
N VAL A 168 -5.89 -10.10 4.76
CA VAL A 168 -7.08 -9.54 5.38
C VAL A 168 -7.52 -8.25 4.68
N ALA A 169 -6.58 -7.38 4.29
CA ALA A 169 -6.92 -6.03 3.85
C ALA A 169 -5.99 -5.53 2.76
N ASP A 170 -6.54 -4.83 1.78
CA ASP A 170 -5.75 -4.10 0.80
C ASP A 170 -5.46 -2.69 1.31
N GLY A 171 -4.88 -1.85 0.46
CA GLY A 171 -4.58 -0.48 0.86
C GLY A 171 -5.83 0.29 1.24
N LYS A 172 -6.88 0.21 0.41
CA LYS A 172 -8.10 0.94 0.73
C LYS A 172 -8.63 0.56 2.10
N SER A 173 -8.64 -0.74 2.41
CA SER A 173 -9.16 -1.21 3.69
C SER A 173 -8.24 -0.86 4.84
N PHE A 174 -6.92 -0.90 4.59
CA PHE A 174 -5.96 -0.41 5.57
C PHE A 174 -6.33 0.99 6.03
N TRP A 175 -6.57 1.89 5.08
CA TRP A 175 -6.77 3.29 5.45
C TRP A 175 -8.20 3.55 5.91
N LEU A 176 -9.15 2.69 5.53
CA LEU A 176 -10.46 2.71 6.18
C LEU A 176 -10.31 2.48 7.68
N PHE A 177 -9.52 1.48 8.07
CA PHE A 177 -9.33 1.20 9.48
C PHE A 177 -8.62 2.35 10.19
N VAL A 178 -7.58 2.90 9.59
CA VAL A 178 -6.87 3.99 10.25
C VAL A 178 -7.79 5.19 10.41
N ASN A 179 -8.54 5.54 9.36
CA ASN A 179 -9.49 6.64 9.45
C ASN A 179 -10.48 6.40 10.59
N SER A 180 -10.97 5.16 10.71
CA SER A 180 -11.99 4.83 11.69
C SER A 180 -11.41 4.84 13.11
N TRP A 181 -10.20 4.32 13.27
CA TRP A 181 -9.53 4.38 14.57
C TRP A 181 -9.32 5.84 15.00
N ALA A 182 -8.87 6.70 14.09
CA ALA A 182 -8.69 8.11 14.45
C ALA A 182 -10.00 8.73 14.91
N GLU A 183 -11.12 8.41 14.23
CA GLU A 183 -12.41 8.97 14.61
C GLU A 183 -12.81 8.54 16.02
N ILE A 184 -12.70 7.25 16.30
CA ILE A 184 -13.03 6.73 17.63
C ILE A 184 -12.18 7.42 18.68
N SER A 185 -10.88 7.56 18.40
CA SER A 185 -9.98 8.26 19.31
C SER A 185 -10.38 9.72 19.53
N ARG A 186 -10.89 10.39 18.48
CA ARG A 186 -11.36 11.77 18.57
C ARG A 186 -12.63 11.91 19.38
N GLY A 187 -13.29 10.82 19.73
CA GLY A 187 -14.54 10.87 20.44
C GLY A 187 -15.74 10.31 19.70
N PHE A 188 -15.58 9.86 18.45
CA PHE A 188 -16.73 9.32 17.74
C PHE A 188 -17.26 8.10 18.47
N GLN A 189 -18.59 7.97 18.44
CA GLN A 189 -19.22 6.79 19.03
C GLN A 189 -18.97 5.56 18.17
N LYS A 190 -19.26 5.66 16.87
CA LYS A 190 -19.04 4.65 15.86
C LYS A 190 -18.25 5.27 14.71
N PRO A 191 -17.49 4.47 13.97
CA PRO A 191 -16.85 5.01 12.76
C PRO A 191 -17.88 5.54 11.77
N SER A 192 -17.50 6.56 11.00
CA SER A 192 -18.44 7.11 10.04
C SER A 192 -18.65 6.19 8.83
N LYS A 193 -17.70 5.32 8.53
CA LYS A 193 -17.84 4.34 7.47
C LYS A 193 -17.71 2.95 8.07
N LEU A 194 -18.75 2.13 7.92
CA LEU A 194 -18.72 0.78 8.46
C LEU A 194 -18.32 -0.21 7.37
N PRO A 195 -17.46 -1.17 7.70
CA PRO A 195 -17.00 -2.11 6.68
C PRO A 195 -18.08 -3.09 6.26
N THR A 196 -18.01 -3.51 5.00
CA THR A 196 -18.71 -4.69 4.52
C THR A 196 -17.74 -5.86 4.62
N LEU A 197 -18.08 -6.87 5.43
CA LEU A 197 -17.11 -7.91 5.76
C LEU A 197 -17.31 -9.21 5.00
N GLU A 198 -18.43 -9.40 4.32
CA GLU A 198 -18.60 -10.58 3.50
C GLU A 198 -17.92 -10.36 2.15
N ARG A 199 -17.14 -11.34 1.71
CA ARG A 199 -16.29 -11.15 0.54
C ARG A 199 -16.91 -11.78 -0.70
N TRP A 200 -16.31 -11.51 -1.85
CA TRP A 200 -16.97 -11.74 -3.14
C TRP A 200 -16.58 -13.10 -3.73
N PHE A 201 -17.59 -13.86 -4.14
CA PHE A 201 -17.41 -15.06 -4.93
C PHE A 201 -18.44 -15.04 -6.05
N LEU A 202 -18.07 -15.54 -7.23
CA LEU A 202 -19.02 -15.61 -8.32
C LEU A 202 -20.16 -16.58 -7.99
N ASN A 203 -19.89 -17.61 -7.20
CA ASN A 203 -20.94 -18.54 -6.78
C ASN A 203 -20.72 -18.91 -5.33
N ASP A 204 -21.84 -19.04 -4.59
CA ASP A 204 -21.76 -19.46 -3.20
C ASP A 204 -21.07 -20.81 -3.05
N THR A 205 -21.08 -21.64 -4.09
CA THR A 205 -20.46 -22.95 -4.02
C THR A 205 -18.94 -22.90 -4.12
N ASP A 206 -18.35 -21.73 -4.42
CA ASP A 206 -16.92 -21.65 -4.67
C ASP A 206 -16.08 -21.81 -3.41
N HIS A 207 -16.60 -21.34 -2.25
CA HIS A 207 -15.73 -21.40 -1.09
C HIS A 207 -16.00 -22.66 -0.26
N PRO A 208 -14.97 -23.20 0.45
CA PRO A 208 -13.62 -22.64 0.45
C PRO A 208 -12.87 -23.03 -0.81
N ILE A 209 -12.12 -22.06 -1.38
CA ILE A 209 -11.33 -22.32 -2.56
C ILE A 209 -10.15 -23.20 -2.17
N ARG A 210 -9.93 -24.28 -2.94
CA ARG A 210 -8.80 -25.17 -2.70
C ARG A 210 -7.68 -24.84 -3.67
N PHE A 211 -6.56 -24.33 -3.14
CA PHE A 211 -5.46 -23.74 -3.91
C PHE A 211 -4.15 -24.44 -3.58
N SER A 212 -3.14 -24.20 -4.40
CA SER A 212 -1.79 -24.68 -4.12
C SER A 212 -0.83 -23.51 -3.87
N PHE A 213 0.07 -23.68 -2.91
CA PHE A 213 1.16 -22.74 -2.72
C PHE A 213 2.20 -22.93 -3.82
N SER A 214 3.17 -22.01 -3.82
CA SER A 214 4.58 -22.24 -4.15
C SER A 214 4.71 -22.84 -5.55
N MET A 215 5.75 -23.64 -5.77
CA MET A 215 6.17 -24.01 -7.11
C MET A 215 7.14 -25.19 -7.09
N LYS A 221 15.87 -11.11 -9.57
CA LYS A 221 15.51 -9.67 -9.59
C LYS A 221 16.74 -8.74 -9.48
N PHE A 222 16.89 -7.89 -10.50
CA PHE A 222 18.00 -6.96 -10.63
C PHE A 222 18.30 -6.22 -9.33
N GLN A 223 19.55 -6.37 -8.86
CA GLN A 223 20.06 -5.67 -7.68
C GLN A 223 19.21 -5.89 -6.44
N SER A 224 18.60 -7.08 -6.36
CA SER A 224 17.82 -7.46 -5.18
C SER A 224 18.68 -7.37 -3.93
N GLY A 225 18.12 -6.79 -2.87
CA GLY A 225 18.88 -6.49 -1.67
C GLY A 225 19.65 -5.19 -1.69
N GLN A 226 19.87 -4.59 -2.87
CA GLN A 226 20.70 -3.39 -2.99
C GLN A 226 19.89 -2.12 -3.30
N LEU A 227 18.57 -2.19 -3.32
CA LEU A 227 17.79 -1.01 -3.67
C LEU A 227 17.70 -0.07 -2.48
N THR A 228 17.41 1.19 -2.76
CA THR A 228 17.19 2.17 -1.70
C THR A 228 15.93 2.94 -2.03
N THR A 229 15.49 3.78 -1.08
CA THR A 229 14.17 4.37 -1.13
C THR A 229 14.28 5.89 -0.90
N ARG A 230 13.55 6.66 -1.71
CA ARG A 230 13.56 8.12 -1.66
C ARG A 230 12.17 8.62 -2.00
N PHE A 231 11.76 9.71 -1.33
CA PHE A 231 10.48 10.36 -1.59
C PHE A 231 10.64 11.53 -2.55
N PHE A 232 9.66 11.70 -3.42
CA PHE A 232 9.58 12.83 -4.33
C PHE A 232 8.20 13.44 -4.20
N HIS A 233 8.14 14.77 -4.21
CA HIS A 233 6.90 15.51 -3.99
C HIS A 233 6.43 16.17 -5.28
N PHE A 234 5.14 16.05 -5.57
CA PHE A 234 4.57 16.64 -6.77
C PHE A 234 3.43 17.56 -6.37
N THR A 235 3.59 18.86 -6.65
CA THR A 235 2.57 19.85 -6.33
C THR A 235 1.37 19.68 -7.25
N ARG A 236 0.23 20.19 -6.79
CA ARG A 236 -0.98 20.19 -7.62
C ARG A 236 -0.75 20.85 -8.97
N GLU A 237 0.04 21.92 -8.99
CA GLU A 237 0.28 22.67 -10.22
C GLU A 237 1.03 21.81 -11.24
N ASN A 238 2.13 21.20 -10.81
CA ASN A 238 2.90 20.35 -11.73
C ASN A 238 2.06 19.18 -12.23
N ILE A 239 1.21 18.62 -11.38
CA ILE A 239 0.31 17.55 -11.81
C ILE A 239 -0.66 18.07 -12.86
N ALA A 240 -1.32 19.19 -12.57
CA ALA A 240 -2.23 19.79 -13.55
C ALA A 240 -1.51 20.12 -14.85
N HIS A 241 -0.25 20.52 -14.77
CA HIS A 241 0.55 20.76 -15.97
C HIS A 241 0.70 19.48 -16.80
N LEU A 242 0.98 18.35 -16.16
CA LEU A 242 1.19 17.11 -16.90
C LEU A 242 -0.11 16.59 -17.51
N LYS A 243 -1.24 16.75 -16.81
CA LYS A 243 -2.52 16.32 -17.37
C LYS A 243 -2.84 17.08 -18.66
N SER A 244 -2.66 18.41 -18.62
CA SER A 244 -2.91 19.26 -19.80
C SER A 244 -1.99 18.88 -20.96
N LYS A 245 -0.69 18.76 -20.68
CA LYS A 245 0.25 18.31 -21.69
C LYS A 245 -0.19 16.97 -22.29
N ALA A 246 -0.43 15.97 -21.45
CA ALA A 246 -0.78 14.65 -21.96
C ALA A 246 -2.04 14.70 -22.81
N ASN A 247 -3.08 15.37 -22.32
CA ASN A 247 -4.32 15.46 -23.09
C ASN A 247 -4.15 16.34 -24.33
N GLY A 248 -3.28 17.34 -24.27
CA GLY A 248 -3.01 18.17 -25.43
C GLY A 248 -2.30 17.44 -26.56
N GLU A 249 -1.57 16.37 -26.23
CA GLU A 249 -0.84 15.60 -27.22
C GLU A 249 -1.69 14.53 -27.91
N VAL A 250 -2.79 14.14 -27.29
CA VAL A 250 -3.77 13.20 -27.91
C VAL A 250 -5.03 14.03 -28.04
N THR A 251 -5.27 14.60 -29.21
CA THR A 251 -6.34 15.64 -29.36
C THR A 251 -7.76 15.14 -29.07
N GLY A 253 -6.99 13.33 -31.65
CA GLY A 253 -7.99 12.39 -32.18
C GLY A 253 -8.65 11.61 -31.06
N ASN A 254 -9.97 11.79 -30.89
CA ASN A 254 -10.86 11.06 -29.93
C ASN A 254 -10.60 11.41 -28.46
N THR A 255 -10.51 12.68 -28.04
CA THR A 255 -10.26 12.97 -26.64
C THR A 255 -11.17 14.10 -26.19
N GLU A 256 -11.84 13.86 -25.07
CA GLU A 256 -12.62 14.86 -24.32
C GLU A 256 -11.83 15.18 -23.07
N ARG A 257 -10.50 15.16 -23.23
CA ARG A 257 -9.54 15.32 -22.15
C ARG A 257 -9.81 14.35 -21.01
N ARG A 258 -9.79 13.06 -21.35
CA ARG A 258 -10.10 11.99 -20.43
C ARG A 258 -8.87 11.28 -19.88
N ILE A 259 -7.67 11.73 -20.20
CA ILE A 259 -6.49 11.29 -19.47
C ILE A 259 -6.50 11.97 -18.11
N SER A 260 -6.49 11.17 -17.04
CA SER A 260 -6.64 11.67 -15.68
C SER A 260 -5.32 12.23 -15.16
N SER A 261 -5.41 12.94 -14.02
CA SER A 261 -4.20 13.49 -13.41
C SER A 261 -3.24 12.37 -13.01
N LEU A 262 -3.76 11.27 -12.46
CA LEU A 262 -2.90 10.19 -12.01
C LEU A 262 -2.23 9.49 -13.19
N GLN A 263 -3.00 9.24 -14.26
CA GLN A 263 -2.43 8.60 -15.44
C GLN A 263 -1.28 9.43 -16.01
N ALA A 264 -1.45 10.75 -16.09
CA ALA A 264 -0.39 11.58 -16.65
C ALA A 264 0.85 11.55 -15.77
N LEU A 265 0.67 11.65 -14.45
CA LEU A 265 1.81 11.61 -13.55
C LEU A 265 2.54 10.28 -13.64
N LEU A 266 1.79 9.18 -13.60
CA LEU A 266 2.42 7.86 -13.67
C LEU A 266 3.15 7.68 -15.00
N ALA A 267 2.56 8.17 -16.10
CA ALA A 267 3.24 8.14 -17.39
C ALA A 267 4.52 8.95 -17.35
N HIS A 268 4.49 10.12 -16.69
CA HIS A 268 5.68 10.95 -16.58
C HIS A 268 6.76 10.28 -15.74
N VAL A 269 6.38 9.69 -14.61
CA VAL A 269 7.37 9.01 -13.77
C VAL A 269 8.01 7.85 -14.54
N TRP A 270 7.19 7.09 -15.27
CA TRP A 270 7.72 5.95 -16.03
C TRP A 270 8.77 6.41 -17.04
N ARG A 271 8.42 7.40 -17.86
CA ARG A 271 9.38 7.99 -18.79
C ARG A 271 10.63 8.50 -18.08
N SER A 272 10.47 9.19 -16.95
CA SER A 272 11.65 9.74 -16.27
C SER A 272 12.58 8.65 -15.75
N VAL A 273 12.03 7.60 -15.12
CA VAL A 273 12.87 6.50 -14.65
C VAL A 273 13.64 5.89 -15.81
N VAL A 274 12.94 5.58 -16.89
CA VAL A 274 13.61 4.96 -18.05
C VAL A 274 14.66 5.89 -18.64
N ARG A 275 14.34 7.19 -18.77
CA ARG A 275 15.33 8.17 -19.24
C ARG A 275 16.59 8.14 -18.37
N CYS A 276 16.43 8.15 -17.04
CA CYS A 276 17.60 8.22 -16.17
C CYS A 276 18.43 6.94 -16.16
N GLU A 277 17.81 5.77 -16.41
CA GLU A 277 18.60 4.54 -16.42
C GLU A 277 19.39 4.38 -17.71
N ARG A 278 18.96 5.01 -18.80
CA ARG A 278 19.67 4.96 -20.09
C ARG A 278 19.80 3.52 -20.57
N ILE A 279 18.77 3.01 -21.24
CA ILE A 279 18.71 1.61 -21.64
C ILE A 279 18.51 1.50 -23.15
N ASP A 280 18.77 0.30 -23.67
CA ASP A 280 18.53 0.00 -25.06
C ASP A 280 17.08 0.32 -25.43
N PRO A 281 16.84 1.11 -26.50
CA PRO A 281 15.46 1.44 -26.86
C PRO A 281 14.65 0.26 -27.35
N GLN A 282 15.25 -0.91 -27.50
CA GLN A 282 14.52 -2.12 -27.85
C GLN A 282 14.06 -2.91 -26.63
N GLU A 283 14.41 -2.48 -25.42
CA GLU A 283 13.96 -3.20 -24.24
C GLU A 283 12.45 -3.10 -24.11
N VAL A 284 11.84 -4.19 -23.68
CA VAL A 284 10.41 -4.20 -23.41
C VAL A 284 10.21 -3.97 -21.92
N LEU A 285 9.23 -3.12 -21.58
CA LEU A 285 9.05 -2.65 -20.22
C LEU A 285 7.66 -3.01 -19.74
N TYR A 286 7.55 -3.34 -18.45
CA TYR A 286 6.29 -3.76 -17.85
C TYR A 286 5.98 -2.86 -16.66
N TYR A 287 4.80 -2.25 -16.67
CA TYR A 287 4.36 -1.31 -15.64
C TYR A 287 3.12 -1.91 -14.99
N ILE A 288 3.21 -2.21 -13.69
CA ILE A 288 2.15 -2.98 -13.02
C ILE A 288 1.26 -2.02 -12.25
N LEU A 289 0.04 -1.83 -12.74
CA LEU A 289 -1.01 -1.12 -12.02
C LEU A 289 -1.92 -2.11 -11.32
N LEU A 290 -2.47 -1.71 -10.18
CA LEU A 290 -3.50 -2.48 -9.50
C LEU A 290 -4.86 -1.81 -9.71
N ILE A 291 -5.78 -2.49 -10.37
CA ILE A 291 -7.06 -1.90 -10.76
C ILE A 291 -8.15 -2.41 -9.84
N ASP A 292 -8.82 -1.46 -9.15
CA ASP A 292 -9.87 -1.79 -8.18
C ASP A 292 -11.07 -2.42 -8.86
N ALA A 293 -11.53 -3.55 -8.30
CA ALA A 293 -12.72 -4.21 -8.82
C ALA A 293 -14.00 -3.69 -8.19
N ARG A 294 -13.92 -2.95 -7.08
CA ARG A 294 -15.13 -2.59 -6.34
C ARG A 294 -16.13 -1.88 -7.23
N THR A 295 -15.69 -0.82 -7.93
CA THR A 295 -16.56 -0.05 -8.77
C THR A 295 -16.80 -0.66 -10.15
N ARG A 296 -16.08 -1.73 -10.51
CA ARG A 296 -16.11 -2.24 -11.88
C ARG A 296 -16.90 -3.53 -12.03
N LEU A 297 -17.22 -4.23 -10.95
CA LEU A 297 -18.10 -5.38 -11.05
C LEU A 297 -19.55 -4.93 -11.24
N ILE A 298 -20.35 -5.78 -11.87
CA ILE A 298 -21.77 -5.53 -12.03
C ILE A 298 -22.52 -6.70 -11.42
N PRO A 299 -23.26 -6.50 -10.31
CA PRO A 299 -23.34 -5.22 -9.58
C PRO A 299 -22.04 -4.90 -8.83
N PRO A 300 -21.79 -3.63 -8.57
CA PRO A 300 -20.54 -3.26 -7.88
C PRO A 300 -20.54 -3.75 -6.44
N LEU A 301 -19.34 -3.89 -5.90
CA LEU A 301 -19.22 -4.14 -4.47
C LEU A 301 -19.45 -2.84 -3.70
N GLU A 302 -19.68 -2.98 -2.40
CA GLU A 302 -19.78 -1.81 -1.55
C GLU A 302 -18.48 -1.02 -1.58
N ASP A 303 -18.59 0.30 -1.51
CA ASP A 303 -17.39 1.13 -1.50
C ASP A 303 -16.48 0.72 -0.35
N ASP A 304 -17.05 0.34 0.79
CA ASP A 304 -16.29 -0.02 1.98
C ASP A 304 -16.22 -1.53 2.16
N TYR A 305 -16.40 -2.30 1.09
CA TYR A 305 -15.96 -3.69 1.03
C TYR A 305 -14.56 -3.82 1.62
N PHE A 306 -14.44 -4.67 2.64
CA PHE A 306 -13.23 -4.79 3.44
C PHE A 306 -12.52 -6.08 3.05
N GLY A 307 -11.39 -5.95 2.36
CA GLY A 307 -10.64 -7.08 1.85
C GLY A 307 -9.83 -6.63 0.66
N ASN A 308 -9.36 -7.60 -0.13
CA ASN A 308 -8.69 -7.29 -1.38
C ASN A 308 -9.68 -7.41 -2.53
N ALA A 309 -9.58 -6.50 -3.49
CA ALA A 309 -10.50 -6.49 -4.63
C ALA A 309 -9.87 -5.77 -5.81
N GLY A 310 -8.73 -6.26 -6.28
CA GLY A 310 -8.00 -5.58 -7.32
C GLY A 310 -7.11 -6.53 -8.08
N ASP A 311 -6.88 -6.20 -9.35
CA ASP A 311 -6.15 -7.07 -10.27
C ASP A 311 -5.05 -6.28 -10.97
N ALA A 312 -3.90 -6.93 -11.14
CA ALA A 312 -2.83 -6.36 -11.94
C ALA A 312 -3.35 -6.01 -13.31
N GLY A 313 -3.06 -4.78 -13.75
CA GLY A 313 -3.17 -4.44 -15.15
C GLY A 313 -1.77 -4.12 -15.65
N VAL A 314 -1.28 -4.83 -16.66
CA VAL A 314 0.13 -4.76 -17.04
C VAL A 314 0.24 -3.89 -18.30
N VAL A 315 0.89 -2.74 -18.17
CA VAL A 315 1.18 -1.91 -19.33
C VAL A 315 2.54 -2.31 -19.88
N ILE A 316 2.62 -2.50 -21.19
CA ILE A 316 3.83 -2.97 -21.84
C ILE A 316 4.18 -2.00 -22.96
N MET A 317 5.44 -1.56 -23.00
CA MET A 317 5.90 -0.66 -24.05
C MET A 317 7.38 -0.87 -24.29
N LYS A 318 7.79 -0.71 -25.55
CA LYS A 318 9.20 -0.62 -25.89
C LYS A 318 9.78 0.66 -25.27
N ALA A 319 11.02 0.59 -24.78
CA ALA A 319 11.64 1.78 -24.20
C ALA A 319 11.73 2.90 -25.22
N GLY A 320 12.02 2.55 -26.48
CA GLY A 320 12.13 3.58 -27.51
C GLY A 320 10.82 4.32 -27.74
N GLU A 321 9.71 3.57 -27.80
CA GLU A 321 8.41 4.21 -27.98
C GLU A 321 8.01 5.01 -26.74
N LEU A 322 8.29 4.47 -25.55
CA LEU A 322 7.95 5.17 -24.32
C LEU A 322 8.52 6.58 -24.31
N LEU A 323 9.78 6.71 -24.68
CA LEU A 323 10.45 8.00 -24.64
C LEU A 323 10.12 8.83 -25.87
N GLU A 324 10.26 8.25 -27.06
CA GLU A 324 10.14 9.04 -28.27
C GLU A 324 8.70 9.33 -28.64
N GLY A 325 7.74 8.59 -28.09
CA GLY A 325 6.34 8.76 -28.43
C GLY A 325 5.59 9.84 -27.68
N GLY A 326 6.18 10.48 -26.67
CA GLY A 326 5.52 11.56 -25.98
C GLY A 326 4.72 11.10 -24.78
N LEU A 327 4.55 12.04 -23.84
CA LEU A 327 3.85 11.75 -22.59
C LEU A 327 2.43 11.28 -22.84
N GLY A 328 1.70 11.97 -23.72
CA GLY A 328 0.30 11.65 -23.92
C GLY A 328 0.07 10.25 -24.44
N ASN A 329 0.99 9.73 -25.25
CA ASN A 329 0.84 8.37 -25.76
C ASN A 329 1.02 7.34 -24.66
N VAL A 330 1.96 7.57 -23.74
CA VAL A 330 2.12 6.66 -22.62
C VAL A 330 0.87 6.65 -21.75
N ALA A 331 0.43 7.85 -21.34
CA ALA A 331 -0.75 7.96 -20.50
C ALA A 331 -2.00 7.41 -21.19
N TRP A 332 -2.09 7.58 -22.52
CA TRP A 332 -3.21 7.00 -23.26
C TRP A 332 -3.20 5.49 -23.19
N ASN A 333 -2.01 4.87 -23.26
CA ASN A 333 -1.93 3.42 -23.15
C ASN A 333 -2.35 2.94 -21.77
N MET A 334 -1.93 3.65 -20.72
CA MET A 334 -2.37 3.32 -19.37
C MET A 334 -3.89 3.41 -19.25
N ASN A 335 -4.46 4.53 -19.70
CA ASN A 335 -5.90 4.71 -19.70
C ASN A 335 -6.61 3.52 -20.35
N LYS A 336 -6.01 2.96 -21.41
CA LYS A 336 -6.64 1.87 -22.14
C LYS A 336 -6.52 0.55 -21.39
N VAL A 337 -5.38 0.29 -20.74
CA VAL A 337 -5.26 -0.91 -19.92
C VAL A 337 -6.23 -0.85 -18.76
N ILE A 338 -6.45 0.33 -18.19
CA ILE A 338 -7.45 0.46 -17.14
C ILE A 338 -8.85 0.16 -17.68
N SER A 339 -9.16 0.66 -18.87
CA SER A 339 -10.48 0.47 -19.45
C SER A 339 -10.77 -0.98 -19.80
N LEU A 340 -9.75 -1.80 -20.05
CA LEU A 340 -9.99 -3.20 -20.36
C LEU A 340 -10.31 -4.05 -19.14
N ASN A 341 -10.14 -3.52 -17.92
CA ASN A 341 -10.51 -4.27 -16.71
C ASN A 341 -12.01 -4.12 -16.50
N SER A 342 -12.77 -4.82 -17.32
CA SER A 342 -14.21 -4.73 -17.33
C SER A 342 -14.81 -5.83 -16.46
N ASP A 343 -16.12 -5.71 -16.21
CA ASP A 343 -16.83 -6.76 -15.45
C ASP A 343 -16.60 -8.13 -16.07
N GLU A 344 -16.58 -8.20 -17.40
CA GLU A 344 -16.34 -9.47 -18.08
C GLU A 344 -14.96 -10.02 -17.74
N LYS A 345 -13.92 -9.18 -17.85
CA LYS A 345 -12.57 -9.71 -17.66
C LYS A 345 -12.32 -10.05 -16.20
N ILE A 346 -12.90 -9.29 -15.26
CA ILE A 346 -12.75 -9.64 -13.85
C ILE A 346 -13.35 -11.01 -13.57
N LYS A 347 -14.57 -11.25 -14.06
CA LYS A 347 -15.24 -12.52 -13.77
C LYS A 347 -14.58 -13.68 -14.49
N ASN A 348 -14.17 -13.47 -15.75
CA ASN A 348 -13.53 -14.56 -16.48
C ASN A 348 -12.16 -14.88 -15.89
N ARG A 349 -11.44 -13.86 -15.43
CA ARG A 349 -10.14 -14.13 -14.79
C ARG A 349 -10.32 -14.90 -13.50
N TYR A 350 -11.32 -14.52 -12.70
CA TYR A 350 -11.68 -15.28 -11.50
C TYR A 350 -11.99 -16.73 -11.84
N LYS A 351 -12.91 -16.97 -12.78
CA LYS A 351 -13.28 -18.33 -13.15
C LYS A 351 -12.05 -19.12 -13.59
N SER A 352 -11.23 -18.50 -14.44
CA SER A 352 -10.01 -19.16 -14.91
C SER A 352 -9.05 -19.47 -13.76
N TRP A 353 -9.01 -18.60 -12.74
CA TRP A 353 -8.12 -18.87 -11.61
C TRP A 353 -8.60 -20.08 -10.80
N LEU A 354 -9.91 -20.19 -10.58
CA LEU A 354 -10.46 -21.33 -9.85
C LEU A 354 -10.05 -22.67 -10.45
N ARG A 355 -9.86 -22.72 -11.77
CA ARG A 355 -9.53 -24.00 -12.37
C ARG A 355 -8.03 -24.27 -12.45
N THR A 356 -7.19 -23.26 -12.23
CA THR A 356 -5.77 -23.46 -11.97
C THR A 356 -5.40 -22.64 -10.74
N PRO A 357 -5.80 -23.09 -9.56
CA PRO A 357 -5.66 -22.26 -8.34
C PRO A 357 -4.26 -22.34 -7.74
N GLN A 358 -3.28 -21.80 -8.45
CA GLN A 358 -1.90 -21.74 -8.00
C GLN A 358 -1.55 -20.30 -7.60
N LEU A 359 -1.06 -20.14 -6.39
CA LEU A 359 -0.54 -18.83 -5.99
C LEU A 359 0.58 -18.44 -6.94
N PRO A 360 0.71 -17.16 -7.27
CA PRO A 360 1.62 -16.76 -8.34
C PRO A 360 3.07 -16.83 -7.89
N SER A 361 3.95 -17.02 -8.86
CA SER A 361 5.33 -16.59 -8.69
C SER A 361 5.43 -15.09 -8.91
N MET A 362 6.44 -14.48 -8.34
CA MET A 362 6.59 -13.05 -8.55
C MET A 362 7.35 -12.72 -9.84
N GLY A 363 7.29 -13.59 -10.82
CA GLY A 363 7.54 -13.18 -12.19
C GLY A 363 8.95 -13.41 -12.72
N MET A 364 9.22 -12.70 -13.82
CA MET A 364 10.41 -12.92 -14.63
C MET A 364 11.68 -12.57 -13.87
N HIS A 365 12.79 -13.11 -14.37
CA HIS A 365 14.12 -12.65 -13.99
C HIS A 365 14.37 -11.29 -14.62
N THR A 366 14.70 -10.28 -13.82
CA THR A 366 14.91 -8.94 -14.35
C THR A 366 16.41 -8.62 -14.35
N THR A 367 16.85 -7.93 -15.40
CA THR A 367 18.25 -7.58 -15.58
C THR A 367 18.51 -6.08 -15.61
N PHE A 368 17.49 -5.25 -15.45
CA PHE A 368 17.69 -3.82 -15.24
C PHE A 368 16.51 -3.27 -14.45
N ALA A 369 16.65 -2.03 -13.99
CA ALA A 369 15.75 -1.51 -12.96
C ALA A 369 14.39 -1.11 -13.54
N SER A 370 14.38 -0.50 -14.73
CA SER A 370 13.13 -0.11 -15.37
C SER A 370 12.34 -1.27 -15.94
N GLN A 371 12.86 -2.50 -15.89
CA GLN A 371 12.23 -3.57 -16.65
C GLN A 371 10.84 -3.89 -16.11
N LEU A 372 10.72 -4.05 -14.80
CA LEU A 372 9.45 -4.38 -14.15
C LEU A 372 9.27 -3.42 -12.98
N LEU A 373 8.31 -2.50 -13.10
CA LEU A 373 8.04 -1.48 -12.10
C LEU A 373 6.63 -1.67 -11.57
N ILE A 374 6.50 -1.81 -10.26
CA ILE A 374 5.23 -2.04 -9.59
C ILE A 374 4.72 -0.73 -9.00
N ILE A 375 3.45 -0.40 -9.25
CA ILE A 375 2.80 0.79 -8.72
C ILE A 375 1.85 0.36 -7.60
N ALA A 376 2.01 0.94 -6.41
CA ALA A 376 1.26 0.51 -5.24
C ALA A 376 0.58 1.70 -4.55
N ASN A 377 -0.48 1.41 -3.78
CA ASN A 377 -1.20 2.40 -2.99
C ASN A 377 -1.92 3.39 -3.90
N SER A 378 -2.42 4.51 -3.34
CA SER A 378 -3.22 5.44 -4.13
C SER A 378 -3.23 6.81 -3.47
N PRO A 379 -3.25 7.92 -4.21
CA PRO A 379 -3.40 9.23 -3.57
C PRO A 379 -4.82 9.50 -3.10
N ARG A 380 -5.76 8.61 -3.36
CA ARG A 380 -7.13 8.79 -2.87
C ARG A 380 -7.29 8.42 -1.41
N PHE A 381 -6.36 7.66 -0.85
CA PHE A 381 -6.49 7.26 0.55
C PHE A 381 -6.22 8.46 1.43
N ASN A 382 -7.03 8.62 2.48
CA ASN A 382 -7.01 9.79 3.35
C ASN A 382 -5.89 9.64 4.38
N VAL A 383 -4.79 10.38 4.17
CA VAL A 383 -3.66 10.31 5.07
C VAL A 383 -3.70 11.41 6.14
N TYR A 384 -4.04 12.65 5.77
CA TYR A 384 -3.86 13.75 6.72
C TYR A 384 -5.10 14.06 7.55
N GLY A 385 -6.23 13.36 7.32
CA GLY A 385 -7.38 13.43 8.19
C GLY A 385 -7.27 12.64 9.48
N ASN A 386 -6.18 11.89 9.67
CA ASN A 386 -6.04 10.97 10.82
C ASN A 386 -5.56 11.73 12.06
N ASP A 387 -6.47 12.58 12.55
CA ASP A 387 -6.31 13.27 13.82
C ASP A 387 -6.80 12.37 14.93
N PHE A 388 -5.92 12.00 15.84
CA PHE A 388 -6.31 11.14 16.96
C PHE A 388 -6.66 11.94 18.21
N GLY A 389 -6.54 13.27 18.15
CA GLY A 389 -6.85 14.12 19.27
C GLY A 389 -5.74 15.12 19.55
N TRP A 390 -4.62 14.96 18.84
CA TRP A 390 -3.44 15.79 19.05
C TRP A 390 -3.00 16.48 17.78
N GLY A 391 -3.82 16.46 16.74
CA GLY A 391 -3.45 17.16 15.52
C GLY A 391 -3.23 16.21 14.35
N LYS A 392 -3.30 16.78 13.16
CA LYS A 392 -3.07 16.03 11.93
C LYS A 392 -1.61 15.59 11.86
N PRO A 393 -1.34 14.47 11.16
CA PRO A 393 0.04 14.03 10.99
C PRO A 393 0.84 14.99 10.11
N LEU A 394 2.15 14.95 10.32
CA LEU A 394 3.12 15.67 9.51
C LEU A 394 3.52 14.95 8.24
N ALA A 395 3.47 13.61 8.22
CA ALA A 395 4.02 12.86 7.10
C ALA A 395 3.55 11.41 7.24
N VAL A 396 3.64 10.67 6.14
CA VAL A 396 3.37 9.24 6.10
C VAL A 396 4.62 8.54 5.60
N ARG A 397 4.93 7.39 6.19
CA ARG A 397 6.11 6.62 5.79
C ARG A 397 5.74 5.14 5.80
N SER A 398 6.41 4.35 4.98
CA SER A 398 6.29 2.90 5.05
C SER A 398 7.54 2.33 5.70
N SER A 399 7.52 1.02 5.97
CA SER A 399 8.66 0.41 6.62
C SER A 399 9.89 0.36 5.72
N ALA A 400 9.70 0.53 4.41
CA ALA A 400 10.79 0.39 3.45
C ALA A 400 11.54 -0.93 3.65
N GLU A 401 10.79 -1.98 4.04
CA GLU A 401 11.36 -3.31 4.15
C GLU A 401 11.80 -3.84 2.79
N ASN A 402 11.04 -3.52 1.73
CA ASN A 402 11.33 -4.03 0.39
C ASN A 402 12.64 -3.47 -0.13
N LYS A 403 13.61 -4.34 -0.38
CA LYS A 403 14.81 -3.99 -1.15
C LYS A 403 14.95 -4.84 -2.40
N ARG A 404 13.88 -5.56 -2.79
CA ARG A 404 13.92 -6.50 -3.91
C ARG A 404 13.26 -5.96 -5.18
N ASP A 405 12.04 -5.43 -5.06
CA ASP A 405 11.26 -4.98 -6.21
C ASP A 405 11.48 -3.50 -6.48
N CYS A 406 11.65 -3.17 -7.77
CA CYS A 406 11.56 -1.77 -8.19
C CYS A 406 10.10 -1.33 -8.15
N LYS A 407 9.82 -0.27 -7.41
CA LYS A 407 8.48 -0.04 -6.91
C LYS A 407 8.24 1.44 -6.66
N ILE A 408 7.03 1.89 -6.94
CA ILE A 408 6.61 3.28 -6.71
C ILE A 408 5.34 3.24 -5.88
N VAL A 409 5.38 3.81 -4.69
CA VAL A 409 4.25 3.81 -3.76
C VAL A 409 3.66 5.21 -3.72
N LEU A 410 2.34 5.31 -3.91
CA LEU A 410 1.67 6.60 -4.06
C LEU A 410 1.03 7.04 -2.76
N PHE A 411 1.24 8.31 -2.38
CA PHE A 411 0.63 8.84 -1.17
C PHE A 411 0.02 10.21 -1.45
N ALA A 412 -1.16 10.46 -0.88
CA ALA A 412 -1.69 11.81 -0.82
C ALA A 412 -0.67 12.73 -0.19
N GLY A 413 -0.50 13.91 -0.78
CA GLY A 413 0.40 14.90 -0.22
C GLY A 413 -0.25 15.76 0.85
N ALA A 414 0.59 16.41 1.67
CA ALA A 414 0.09 17.25 2.74
C ALA A 414 -0.79 18.40 2.20
N GLU A 415 -0.44 18.94 1.03
CA GLU A 415 -1.25 19.99 0.43
C GLU A 415 -2.31 19.43 -0.49
N GLU A 416 -3.48 20.05 -0.42
CA GLU A 416 -4.62 19.80 -1.28
C GLU A 416 -4.21 19.47 -2.72
N GLY A 417 -4.40 18.21 -3.14
CA GLY A 417 -4.19 17.86 -4.54
C GLY A 417 -2.76 17.57 -4.93
N SER A 418 -1.82 17.57 -4.00
CA SER A 418 -0.47 17.15 -4.28
C SER A 418 -0.31 15.64 -4.02
N ILE A 419 0.82 15.11 -4.45
CA ILE A 419 1.07 13.66 -4.35
C ILE A 419 2.53 13.44 -3.98
N ASP A 420 2.78 12.66 -2.94
CA ASP A 420 4.11 12.17 -2.61
C ASP A 420 4.29 10.75 -3.14
N ILE A 421 5.40 10.47 -3.81
CA ILE A 421 5.71 9.13 -4.29
C ILE A 421 6.97 8.64 -3.59
N GLU A 422 6.91 7.42 -3.07
CA GLU A 422 8.04 6.75 -2.46
C GLU A 422 8.63 5.79 -3.49
N VAL A 423 9.89 6.02 -3.87
CA VAL A 423 10.48 5.32 -5.00
C VAL A 423 11.59 4.40 -4.49
N CYS A 424 11.51 3.12 -4.87
CA CYS A 424 12.51 2.13 -4.47
C CYS A 424 13.26 1.69 -5.73
N LEU A 425 14.51 2.10 -5.85
CA LEU A 425 15.29 1.90 -7.05
C LEU A 425 16.76 1.83 -6.67
N PRO A 426 17.63 1.46 -7.59
CA PRO A 426 19.07 1.57 -7.32
C PRO A 426 19.45 3.03 -7.01
N TYR A 427 20.38 3.18 -6.08
CA TYR A 427 20.80 4.50 -5.61
C TYR A 427 21.13 5.44 -6.77
N GLU A 428 21.86 4.96 -7.77
CA GLU A 428 22.32 5.82 -8.85
C GLU A 428 21.16 6.36 -9.69
N ILE A 429 20.08 5.58 -9.84
CA ILE A 429 18.93 6.10 -10.57
C ILE A 429 18.19 7.14 -9.75
N LEU A 430 18.07 6.91 -8.44
CA LEU A 430 17.44 7.91 -7.58
C LEU A 430 18.24 9.21 -7.57
N GLU A 431 19.56 9.12 -7.67
CA GLU A 431 20.40 10.32 -7.74
C GLU A 431 20.17 11.06 -9.05
N ALA A 432 20.14 10.32 -10.17
CA ALA A 432 19.82 10.94 -11.45
C ALA A 432 18.45 11.59 -11.44
N LEU A 433 17.44 10.93 -10.84
CA LEU A 433 16.11 11.52 -10.79
C LEU A 433 16.10 12.86 -10.04
N GLY A 434 16.80 12.92 -8.90
CA GLY A 434 16.85 14.14 -8.10
C GLY A 434 17.60 15.27 -8.75
N ASN A 435 18.41 14.97 -9.77
CA ASN A 435 19.16 15.98 -10.52
C ASN A 435 18.53 16.32 -11.86
N ASP A 436 17.42 15.67 -12.20
CA ASP A 436 16.79 15.84 -13.51
C ASP A 436 15.74 16.94 -13.42
N ALA A 437 15.97 18.06 -14.10
CA ALA A 437 14.98 19.13 -14.11
C ALA A 437 13.73 18.76 -14.90
N GLU A 438 13.82 17.76 -15.79
CA GLU A 438 12.63 17.30 -16.51
C GLU A 438 11.68 16.52 -15.60
N PHE A 439 12.23 15.76 -14.66
CA PHE A 439 11.48 15.24 -13.52
C PHE A 439 10.96 16.42 -12.73
N LEU A 440 9.66 16.70 -12.80
CA LEU A 440 9.15 18.00 -12.32
C LEU A 440 8.70 17.91 -10.86
N ASP A 441 9.59 17.43 -10.01
CA ASP A 441 9.32 17.38 -8.58
C ASP A 441 9.64 18.73 -7.93
N ASN A 442 9.36 18.84 -6.62
CA ASN A 442 9.67 20.04 -5.85
C ASN A 442 10.05 19.61 -4.42
N HIS A 443 10.99 20.33 -3.82
CA HIS A 443 11.66 19.98 -2.56
C HIS A 443 12.32 18.61 -2.61
#